data_4Y7E
#
_entry.id   4Y7E
#
_cell.length_a   65.709
_cell.length_b   100.706
_cell.length_c   104.737
_cell.angle_alpha   90.00
_cell.angle_beta   90.00
_cell.angle_gamma   90.00
#
_symmetry.space_group_name_H-M   'P 21 21 21'
#
loop_
_entity.id
_entity.type
_entity.pdbx_description
1 polymer Endoglucanase
2 branched beta-D-mannopyranose-(1-4)-beta-D-mannopyranose-(1-4)-beta-D-mannopyranose-(1-4)-beta-D-mannopyranose-(1-4)-beta-D-mannopyranose-(1-4)-beta-D-mannopyranose-(1-4)-beta-D-mannopyranose
3 branched beta-D-mannopyranose-(1-4)-beta-D-mannopyranose-(1-4)-beta-D-mannopyranose
4 non-polymer GLYCEROL
5 non-polymer beta-D-mannopyranose
6 non-polymer 'CALCIUM ION'
7 water water
#
_entity_poly.entity_id   1
_entity_poly.type   'polypeptide(L)'
_entity_poly.pdbx_seq_one_letter_code
;GSSHHHHHHSSGLVPRGSHMRTAPPGSAGQPPDAAVTGLHVQGGRLLEGNGNDFVMRGVNHAHTWYPGQTRSLADIKALG
ANTVRVVLSDGHRWTRNGPADVAAVIDRCKANRLICVLEVHDTTGYGEEPAAGTLDHAADYWISLMDVLAGQEDYVIVNI
GNEPWGNTDPAGWTAPTIAAVKKLRAAGLAHTLMIDAPNWGQDWQGVMRADARSVYEADPTGNLLFSIHMYSVFDTAAEI
DDYLEAFVDAGLPLVIGAFGGPPDQWGDPDEDTMLAAAERLRLGYLAWSWSGNTDPVLDLAIGFDPDRLSGWGQRVFHGV
HGIGETSREATVFGKLAALEHHHHHH
;
_entity_poly.pdbx_strand_id   A,B
#
# COMPACT_ATOMS: atom_id res chain seq x y z
N VAL A 36 -6.43 -14.02 -4.67
CA VAL A 36 -6.88 -13.64 -3.34
C VAL A 36 -5.99 -12.54 -2.75
N THR A 37 -6.60 -11.39 -2.47
CA THR A 37 -5.88 -10.27 -1.87
C THR A 37 -6.61 -9.76 -0.64
N GLY A 38 -5.93 -9.02 0.23
CA GLY A 38 -6.62 -8.33 1.29
C GLY A 38 -6.80 -9.14 2.56
N LEU A 39 -6.88 -8.42 3.67
CA LEU A 39 -7.21 -9.04 4.94
C LEU A 39 -8.61 -9.63 4.84
N HIS A 40 -8.75 -10.87 5.34
CA HIS A 40 -10.03 -11.56 5.20
C HIS A 40 -10.15 -12.60 6.31
N VAL A 41 -11.33 -13.20 6.43
CA VAL A 41 -11.58 -14.16 7.48
C VAL A 41 -11.81 -15.54 6.88
N GLN A 42 -11.15 -16.54 7.45
CA GLN A 42 -11.34 -17.91 7.02
C GLN A 42 -11.14 -18.84 8.21
N GLY A 43 -12.04 -19.77 8.42
CA GLY A 43 -11.91 -20.75 9.49
C GLY A 43 -11.79 -20.04 10.84
N GLY A 44 -12.47 -18.92 11.00
CA GLY A 44 -12.46 -18.19 12.27
C GLY A 44 -11.20 -17.40 12.56
N ARG A 45 -10.32 -17.28 11.57
CA ARG A 45 -9.02 -16.61 11.70
C ARG A 45 -8.94 -15.39 10.79
N LEU A 46 -8.23 -14.37 11.26
CA LEU A 46 -7.90 -13.25 10.39
C LEU A 46 -6.67 -13.59 9.60
N LEU A 47 -6.80 -13.61 8.27
CA LEU A 47 -5.67 -13.93 7.39
C LEU A 47 -5.29 -12.76 6.50
N GLU A 48 -4.00 -12.65 6.22
CA GLU A 48 -3.55 -11.73 5.17
C GLU A 48 -3.89 -12.29 3.79
N GLY A 49 -3.75 -11.47 2.75
CA GLY A 49 -4.06 -11.92 1.39
C GLY A 49 -3.31 -13.18 1.01
N ASN A 50 -2.08 -13.29 1.51
CA ASN A 50 -1.25 -14.45 1.20
C ASN A 50 -1.58 -15.68 2.04
N GLY A 51 -2.59 -15.57 2.89
CA GLY A 51 -3.05 -16.72 3.65
C GLY A 51 -2.43 -16.82 5.03
N ASN A 52 -1.48 -15.95 5.37
CA ASN A 52 -0.82 -16.07 6.69
C ASN A 52 -1.68 -15.51 7.81
N ASP A 53 -1.72 -16.25 8.92
CA ASP A 53 -2.51 -15.88 10.08
C ASP A 53 -1.97 -14.62 10.69
N PHE A 54 -2.86 -13.65 10.94
CA PHE A 54 -2.42 -12.38 11.57
C PHE A 54 -3.13 -12.16 12.90
N VAL A 55 -2.32 -12.04 13.96
CA VAL A 55 -2.85 -11.86 15.31
C VAL A 55 -2.47 -10.48 15.81
N MET A 56 -3.47 -9.61 15.96
CA MET A 56 -3.20 -8.22 16.36
C MET A 56 -2.57 -8.16 17.75
N ARG A 57 -1.48 -7.38 17.85
CA ARG A 57 -0.84 -7.08 19.13
C ARG A 57 -0.53 -5.60 19.07
N GLY A 58 -1.39 -4.77 19.64
CA GLY A 58 -1.20 -3.34 19.45
C GLY A 58 -1.96 -2.50 20.43
N VAL A 59 -2.16 -1.23 20.05
CA VAL A 59 -2.81 -0.29 20.96
C VAL A 59 -3.73 0.65 20.16
N ASN A 60 -4.58 1.34 20.92
CA ASN A 60 -5.40 2.43 20.42
C ASN A 60 -4.68 3.76 20.50
N HIS A 61 -4.82 4.57 19.47
CA HIS A 61 -4.28 5.93 19.47
C HIS A 61 -5.39 6.93 19.13
N ALA A 62 -5.56 7.92 20.00
CA ALA A 62 -6.64 8.91 19.91
C ALA A 62 -6.33 10.02 18.90
N HIS A 63 -6.15 9.61 17.65
CA HIS A 63 -5.79 10.53 16.59
C HIS A 63 -6.73 11.74 16.48
N THR A 64 -8.04 11.52 16.58
CA THR A 64 -8.98 12.59 16.28
C THR A 64 -8.88 13.76 17.27
N TRP A 65 -8.45 13.46 18.50
CA TRP A 65 -8.31 14.53 19.49
C TRP A 65 -6.87 15.02 19.58
N TYR A 66 -5.93 14.31 18.95
CA TYR A 66 -4.51 14.68 19.04
C TYR A 66 -3.84 14.72 17.65
N PRO A 67 -4.31 15.61 16.78
CA PRO A 67 -3.74 15.68 15.43
C PRO A 67 -2.25 16.06 15.43
N GLY A 68 -1.77 16.70 16.50
CA GLY A 68 -0.37 17.11 16.57
C GLY A 68 0.56 16.00 17.03
N GLN A 69 0.02 14.89 17.51
CA GLN A 69 0.89 13.83 18.05
C GLN A 69 1.25 12.83 16.97
N THR A 70 1.98 13.37 15.98
CA THR A 70 2.26 12.67 14.74
C THR A 70 3.23 11.51 14.93
N ARG A 71 4.09 11.61 15.92
CA ARG A 71 5.09 10.55 16.12
C ARG A 71 4.53 9.32 16.80
N SER A 72 3.27 9.35 17.24
CA SER A 72 2.73 8.23 18.03
C SER A 72 2.84 6.91 17.27
N LEU A 73 2.54 6.92 15.97
CA LEU A 73 2.54 5.66 15.22
C LEU A 73 3.96 5.05 15.15
N ALA A 74 4.97 5.85 14.83
CA ALA A 74 6.34 5.36 14.87
C ALA A 74 6.74 4.86 16.26
N ASP A 75 6.32 5.59 17.31
CA ASP A 75 6.67 5.19 18.68
C ASP A 75 6.03 3.86 19.05
N ILE A 76 4.78 3.69 18.67
CA ILE A 76 4.03 2.47 18.92
C ILE A 76 4.69 1.27 18.20
N LYS A 77 5.06 1.47 16.94
CA LYS A 77 5.79 0.45 16.20
C LYS A 77 7.12 0.09 16.85
N ALA A 78 7.85 1.11 17.33
CA ALA A 78 9.17 0.87 17.91
C ALA A 78 9.11 0.02 19.18
N LEU A 79 7.97 0.08 19.87
CA LEU A 79 7.76 -0.73 21.05
C LEU A 79 7.21 -2.12 20.71
N GLY A 80 7.04 -2.39 19.43
CA GLY A 80 6.76 -3.75 18.98
C GLY A 80 5.35 -4.02 18.49
N ALA A 81 4.47 -3.03 18.52
CA ALA A 81 3.12 -3.25 18.06
C ALA A 81 3.07 -3.63 16.58
N ASN A 82 2.12 -4.45 16.19
CA ASN A 82 1.93 -4.75 14.79
C ASN A 82 0.65 -4.14 14.17
N THR A 83 -0.15 -3.51 15.03
CA THR A 83 -1.47 -2.96 14.69
C THR A 83 -1.72 -1.72 15.52
N VAL A 84 -2.36 -0.72 14.94
CA VAL A 84 -2.88 0.40 15.73
C VAL A 84 -4.35 0.59 15.36
N ARG A 85 -5.16 0.81 16.41
CA ARG A 85 -6.56 1.17 16.22
C ARG A 85 -6.60 2.69 16.35
N VAL A 86 -7.04 3.32 15.26
CA VAL A 86 -7.01 4.80 15.15
C VAL A 86 -8.39 5.38 15.38
N VAL A 87 -8.47 6.23 16.40
CA VAL A 87 -9.71 6.89 16.72
C VAL A 87 -10.03 8.02 15.74
N LEU A 88 -11.11 7.85 14.99
CA LEU A 88 -11.63 8.89 14.09
C LEU A 88 -12.94 9.43 14.62
N SER A 89 -13.34 10.59 14.08
CA SER A 89 -14.68 11.10 14.28
C SER A 89 -15.37 11.25 12.92
N ASP A 90 -16.66 10.88 12.89
CA ASP A 90 -17.48 11.13 11.70
C ASP A 90 -18.18 12.47 11.75
N GLY A 91 -17.79 13.30 12.72
CA GLY A 91 -18.33 14.64 12.83
C GLY A 91 -19.65 14.76 13.59
N HIS A 92 -20.23 13.64 14.00
CA HIS A 92 -21.50 13.76 14.73
C HIS A 92 -21.30 14.41 16.09
N ARG A 93 -20.29 13.95 16.82
CA ARG A 93 -20.03 14.44 18.18
C ARG A 93 -18.74 15.26 18.22
N TRP A 94 -17.69 14.76 17.57
CA TRP A 94 -16.43 15.48 17.55
C TRP A 94 -16.16 16.05 16.17
N THR A 95 -14.90 16.30 15.82
CA THR A 95 -14.61 17.00 14.56
C THR A 95 -14.27 15.99 13.48
N ARG A 96 -14.98 16.04 12.36
N ARG A 96 -15.04 15.99 12.40
CA ARG A 96 -14.90 15.01 11.34
CA ARG A 96 -14.88 15.03 11.32
C ARG A 96 -13.52 14.91 10.69
C ARG A 96 -13.43 14.94 10.85
N ASN A 97 -12.94 13.71 10.71
CA ASN A 97 -11.69 13.47 10.00
C ASN A 97 -11.99 13.27 8.53
N GLY A 98 -11.62 14.26 7.73
CA GLY A 98 -11.90 14.26 6.29
C GLY A 98 -11.08 13.26 5.50
N PRO A 99 -11.45 13.04 4.24
CA PRO A 99 -10.71 12.07 3.42
C PRO A 99 -9.19 12.29 3.36
N ALA A 100 -8.71 13.53 3.22
CA ALA A 100 -7.28 13.73 3.11
C ALA A 100 -6.58 13.34 4.40
N ASP A 101 -7.22 13.63 5.52
CA ASP A 101 -6.63 13.27 6.79
C ASP A 101 -6.58 11.77 6.92
N VAL A 102 -7.68 11.10 6.57
CA VAL A 102 -7.71 9.62 6.69
C VAL A 102 -6.71 8.98 5.73
N ALA A 103 -6.60 9.48 4.50
CA ALA A 103 -5.57 8.99 3.58
C ALA A 103 -4.19 9.10 4.21
N ALA A 104 -3.92 10.22 4.90
CA ALA A 104 -2.62 10.43 5.52
C ALA A 104 -2.38 9.47 6.68
N VAL A 105 -3.42 9.22 7.48
CA VAL A 105 -3.31 8.24 8.57
C VAL A 105 -2.98 6.86 8.03
N ILE A 106 -3.66 6.46 6.96
CA ILE A 106 -3.42 5.15 6.38
C ILE A 106 -1.99 5.06 5.86
N ASP A 107 -1.55 6.10 5.17
CA ASP A 107 -0.19 6.09 4.64
C ASP A 107 0.83 6.02 5.77
N ARG A 108 0.59 6.77 6.85
CA ARG A 108 1.50 6.75 8.00
C ARG A 108 1.53 5.38 8.69
N CYS A 109 0.38 4.70 8.76
CA CYS A 109 0.38 3.32 9.28
C CYS A 109 1.26 2.41 8.42
N LYS A 110 1.08 2.51 7.10
CA LYS A 110 1.88 1.70 6.17
C LYS A 110 3.36 2.06 6.29
N ALA A 111 3.68 3.35 6.47
CA ALA A 111 5.08 3.79 6.57
C ALA A 111 5.74 3.20 7.82
N ASN A 112 4.92 2.92 8.83
CA ASN A 112 5.43 2.32 10.08
C ASN A 112 5.13 0.85 10.17
N ARG A 113 4.78 0.24 9.05
CA ARG A 113 4.61 -1.22 8.98
C ARG A 113 3.62 -1.72 10.06
N LEU A 114 2.52 -0.97 10.18
CA LEU A 114 1.39 -1.29 11.06
C LEU A 114 0.13 -1.58 10.30
N ILE A 115 -0.59 -2.63 10.70
CA ILE A 115 -1.98 -2.81 10.26
C ILE A 115 -2.83 -1.74 10.97
N CYS A 116 -3.85 -1.25 10.28
CA CYS A 116 -4.58 -0.06 10.69
C CYS A 116 -6.05 -0.44 10.90
N VAL A 117 -6.53 -0.33 12.13
CA VAL A 117 -7.96 -0.46 12.38
C VAL A 117 -8.55 0.94 12.54
N LEU A 118 -9.34 1.41 11.57
CA LEU A 118 -9.99 2.72 11.70
C LEU A 118 -11.32 2.55 12.44
N GLU A 119 -11.67 3.48 13.33
CA GLU A 119 -12.94 3.35 14.05
C GLU A 119 -13.55 4.72 14.24
N VAL A 120 -14.87 4.77 14.11
CA VAL A 120 -15.65 6.00 14.39
C VAL A 120 -16.07 6.02 15.86
N HIS A 121 -15.58 7.02 16.61
CA HIS A 121 -15.81 7.02 18.07
C HIS A 121 -17.17 7.62 18.41
N ASP A 122 -17.80 8.32 17.47
CA ASP A 122 -18.97 9.12 17.83
C ASP A 122 -20.17 8.31 18.27
N THR A 123 -20.20 7.02 17.93
CA THR A 123 -21.32 6.15 18.29
C THR A 123 -21.36 5.74 19.76
N THR A 124 -20.26 6.01 20.47
CA THR A 124 -20.05 5.48 21.84
C THR A 124 -21.24 5.74 22.77
N GLY A 125 -21.82 4.65 23.31
CA GLY A 125 -22.84 4.80 24.34
C GLY A 125 -24.24 5.15 23.85
N TYR A 126 -24.52 4.96 22.57
CA TYR A 126 -25.82 5.37 22.02
C TYR A 126 -26.99 4.82 22.83
N GLY A 127 -27.96 5.71 23.08
CA GLY A 127 -29.15 5.42 23.86
C GLY A 127 -28.98 5.87 25.30
N GLU A 128 -27.74 6.06 25.72
CA GLU A 128 -27.46 6.47 27.09
C GLU A 128 -26.62 7.77 27.14
N GLU A 129 -25.61 7.86 26.29
CA GLU A 129 -24.87 9.12 26.09
C GLU A 129 -25.64 9.99 25.11
N PRO A 130 -26.14 11.16 25.57
CA PRO A 130 -27.02 11.98 24.71
C PRO A 130 -26.34 12.41 23.40
N ALA A 131 -25.04 12.65 23.44
CA ALA A 131 -24.35 13.17 22.26
C ALA A 131 -24.03 12.10 21.20
N ALA A 132 -24.34 10.84 21.47
CA ALA A 132 -23.89 9.77 20.59
C ALA A 132 -24.60 9.73 19.25
N GLY A 133 -23.84 9.30 18.26
CA GLY A 133 -24.33 9.17 16.90
C GLY A 133 -24.74 7.74 16.61
N THR A 134 -25.40 7.57 15.46
CA THR A 134 -25.90 6.27 15.05
C THR A 134 -24.92 5.51 14.16
N LEU A 135 -25.11 4.20 14.10
CA LEU A 135 -24.33 3.39 13.18
C LEU A 135 -24.63 3.73 11.71
N ASP A 136 -25.84 4.20 11.42
CA ASP A 136 -26.13 4.58 10.04
C ASP A 136 -25.36 5.85 9.68
N HIS A 137 -25.26 6.78 10.62
CA HIS A 137 -24.46 7.99 10.36
C HIS A 137 -22.99 7.61 10.16
N ALA A 138 -22.48 6.69 10.97
CA ALA A 138 -21.12 6.20 10.77
C ALA A 138 -20.97 5.55 9.42
N ALA A 139 -21.95 4.74 9.02
CA ALA A 139 -21.88 4.07 7.72
C ALA A 139 -21.78 5.07 6.58
N ASP A 140 -22.58 6.15 6.61
CA ASP A 140 -22.49 7.19 5.57
C ASP A 140 -21.08 7.78 5.52
N TYR A 141 -20.45 7.95 6.68
CA TYR A 141 -19.09 8.45 6.73
C TYR A 141 -18.09 7.49 6.07
N TRP A 142 -18.18 6.21 6.40
CA TRP A 142 -17.32 5.23 5.76
C TRP A 142 -17.49 5.25 4.25
N ILE A 143 -18.73 5.34 3.78
CA ILE A 143 -18.99 5.38 2.33
C ILE A 143 -18.30 6.60 1.71
N SER A 144 -18.32 7.73 2.42
CA SER A 144 -17.66 8.94 1.93
C SER A 144 -16.15 8.79 1.87
N LEU A 145 -15.60 7.81 2.59
CA LEU A 145 -14.17 7.57 2.63
C LEU A 145 -13.73 6.52 1.63
N MET A 146 -14.66 6.03 0.82
N MET A 146 -14.64 6.00 0.83
CA MET A 146 -14.39 4.88 -0.03
CA MET A 146 -14.27 4.81 0.05
C MET A 146 -13.26 5.11 -1.03
C MET A 146 -13.19 5.12 -0.99
N ASP A 147 -13.15 6.34 -1.52
CA ASP A 147 -12.08 6.65 -2.47
C ASP A 147 -10.68 6.57 -1.80
N VAL A 148 -10.57 6.98 -0.53
CA VAL A 148 -9.28 6.90 0.16
C VAL A 148 -9.02 5.51 0.76
N LEU A 149 -10.08 4.73 1.02
CA LEU A 149 -9.91 3.36 1.48
C LEU A 149 -9.56 2.40 0.34
N ALA A 150 -9.83 2.82 -0.89
CA ALA A 150 -9.65 1.94 -2.04
C ALA A 150 -8.21 1.51 -2.16
N GLY A 151 -8.00 0.21 -2.39
CA GLY A 151 -6.67 -0.33 -2.62
C GLY A 151 -5.92 -0.56 -1.32
N GLN A 152 -6.58 -0.35 -0.20
CA GLN A 152 -5.91 -0.51 1.08
C GLN A 152 -6.42 -1.72 1.89
N GLU A 153 -7.08 -2.67 1.23
CA GLU A 153 -7.65 -3.84 1.93
C GLU A 153 -6.61 -4.75 2.58
N ASP A 154 -5.35 -4.67 2.15
CA ASP A 154 -4.25 -5.40 2.80
C ASP A 154 -3.87 -4.79 4.14
N TYR A 155 -4.30 -3.56 4.40
CA TYR A 155 -3.77 -2.79 5.53
C TYR A 155 -4.82 -2.26 6.49
N VAL A 156 -6.05 -2.10 6.02
CA VAL A 156 -7.04 -1.33 6.79
C VAL A 156 -8.27 -2.16 7.06
N ILE A 157 -8.66 -2.19 8.34
CA ILE A 157 -9.90 -2.81 8.78
C ILE A 157 -10.84 -1.70 9.25
N VAL A 158 -12.10 -1.81 8.89
CA VAL A 158 -13.10 -0.79 9.20
C VAL A 158 -13.97 -1.24 10.38
N ASN A 159 -13.77 -0.57 11.53
CA ASN A 159 -14.54 -0.85 12.76
C ASN A 159 -15.69 0.15 12.77
N ILE A 160 -16.90 -0.34 12.49
CA ILE A 160 -17.97 0.56 12.06
C ILE A 160 -18.22 1.69 13.04
N GLY A 161 -18.36 1.33 14.31
CA GLY A 161 -18.55 2.34 15.34
C GLY A 161 -18.10 1.82 16.68
N ASN A 162 -17.39 2.66 17.44
CA ASN A 162 -16.97 2.31 18.78
C ASN A 162 -18.14 2.10 19.71
N GLU A 163 -18.10 0.99 20.45
CA GLU A 163 -18.99 0.79 21.60
C GLU A 163 -20.37 1.40 21.37
N PRO A 164 -21.06 0.98 20.30
CA PRO A 164 -22.08 1.85 19.71
C PRO A 164 -23.47 1.75 20.36
N TRP A 165 -23.51 1.27 21.59
CA TRP A 165 -24.75 1.22 22.34
C TRP A 165 -24.37 1.25 23.80
N GLY A 166 -25.15 2.00 24.57
CA GLY A 166 -24.99 2.04 26.01
C GLY A 166 -25.64 0.86 26.71
N ASN A 167 -26.07 1.10 27.95
CA ASN A 167 -26.64 0.01 28.76
C ASN A 167 -28.17 -0.01 28.69
N THR A 168 -28.77 0.93 27.98
CA THR A 168 -30.23 0.96 27.89
C THR A 168 -30.67 0.21 26.64
N ASP A 169 -31.53 -0.79 26.83
CA ASP A 169 -32.05 -1.64 25.75
C ASP A 169 -30.97 -2.17 24.80
N PRO A 170 -29.99 -2.89 25.33
CA PRO A 170 -28.89 -3.36 24.48
C PRO A 170 -29.36 -4.34 23.38
N ALA A 171 -30.52 -4.98 23.55
CA ALA A 171 -31.07 -5.80 22.47
C ALA A 171 -31.33 -4.98 21.21
N GLY A 172 -31.51 -3.67 21.38
CA GLY A 172 -31.71 -2.80 20.22
C GLY A 172 -30.48 -2.61 19.31
N TRP A 173 -29.34 -3.10 19.77
CA TRP A 173 -28.09 -2.95 19.01
C TRP A 173 -28.06 -3.81 17.73
N THR A 174 -28.78 -4.92 17.71
CA THR A 174 -28.56 -5.92 16.66
C THR A 174 -29.05 -5.43 15.31
N ALA A 175 -30.26 -4.89 15.25
CA ALA A 175 -30.81 -4.47 13.97
C ALA A 175 -29.96 -3.38 13.29
N PRO A 176 -29.60 -2.30 14.02
CA PRO A 176 -28.80 -1.31 13.29
C PRO A 176 -27.39 -1.79 12.96
N THR A 177 -26.83 -2.71 13.73
CA THR A 177 -25.53 -3.28 13.39
C THR A 177 -25.63 -4.08 12.10
N ILE A 178 -26.64 -4.95 11.99
CA ILE A 178 -26.87 -5.69 10.77
C ILE A 178 -27.13 -4.76 9.58
N ALA A 179 -27.93 -3.73 9.80
CA ALA A 179 -28.23 -2.80 8.71
C ALA A 179 -26.97 -2.10 8.20
N ALA A 180 -26.11 -1.69 9.14
CA ALA A 180 -24.88 -1.01 8.76
C ALA A 180 -23.93 -1.92 7.98
N VAL A 181 -23.80 -3.18 8.42
CA VAL A 181 -23.01 -4.17 7.67
C VAL A 181 -23.54 -4.34 6.26
N LYS A 182 -24.85 -4.52 6.12
CA LYS A 182 -25.41 -4.71 4.79
C LYS A 182 -25.24 -3.48 3.90
N LYS A 183 -25.36 -2.31 4.52
CA LYS A 183 -25.24 -1.05 3.79
C LYS A 183 -23.83 -0.83 3.25
N LEU A 184 -22.82 -1.12 4.08
CA LEU A 184 -21.43 -0.98 3.64
C LEU A 184 -21.11 -1.99 2.56
N ARG A 185 -21.58 -3.23 2.69
CA ARG A 185 -21.30 -4.20 1.62
C ARG A 185 -22.03 -3.86 0.31
N ALA A 186 -23.26 -3.36 0.41
CA ALA A 186 -24.02 -2.93 -0.76
C ALA A 186 -23.32 -1.78 -1.47
N ALA A 187 -22.63 -0.94 -0.71
CA ALA A 187 -21.90 0.21 -1.29
C ALA A 187 -20.62 -0.23 -1.99
N GLY A 188 -20.20 -1.48 -1.76
CA GLY A 188 -19.01 -1.99 -2.43
C GLY A 188 -17.74 -2.04 -1.59
N LEU A 189 -17.87 -1.77 -0.30
CA LEU A 189 -16.72 -1.83 0.59
C LEU A 189 -16.28 -3.27 0.74
N ALA A 190 -15.00 -3.54 0.47
CA ALA A 190 -14.48 -4.91 0.57
C ALA A 190 -13.63 -5.19 1.80
N HIS A 191 -13.23 -4.14 2.52
CA HIS A 191 -12.34 -4.34 3.66
C HIS A 191 -12.94 -5.26 4.71
N THR A 192 -12.10 -5.95 5.45
CA THR A 192 -12.60 -6.65 6.61
C THR A 192 -13.21 -5.63 7.58
N LEU A 193 -14.38 -6.00 8.11
CA LEU A 193 -15.14 -5.19 9.05
C LEU A 193 -14.88 -5.65 10.47
N MET A 194 -15.01 -4.71 11.41
CA MET A 194 -14.96 -5.05 12.81
C MET A 194 -16.19 -4.48 13.53
N ILE A 195 -16.80 -5.30 14.39
CA ILE A 195 -18.08 -4.99 15.02
C ILE A 195 -17.93 -4.90 16.55
N ASP A 196 -18.25 -3.74 17.16
CA ASP A 196 -18.24 -3.57 18.61
C ASP A 196 -19.60 -3.90 19.22
N ALA A 197 -19.57 -4.26 20.50
CA ALA A 197 -20.75 -4.69 21.25
C ALA A 197 -21.53 -3.57 21.95
N PRO A 198 -22.79 -3.85 22.35
CA PRO A 198 -23.53 -2.90 23.21
C PRO A 198 -23.05 -3.01 24.66
N ASN A 199 -23.74 -2.35 25.60
CA ASN A 199 -23.24 -2.21 26.98
C ASN A 199 -21.84 -1.59 26.95
N TRP A 200 -21.74 -0.53 26.15
CA TRP A 200 -20.50 0.22 25.97
C TRP A 200 -19.33 -0.67 25.58
N GLY A 201 -19.60 -1.64 24.71
CA GLY A 201 -18.57 -2.54 24.21
C GLY A 201 -18.22 -3.72 25.08
N GLN A 202 -18.68 -3.74 26.34
CA GLN A 202 -18.35 -4.86 27.24
C GLN A 202 -19.37 -5.99 27.17
N ASP A 203 -20.49 -5.79 26.47
CA ASP A 203 -21.48 -6.84 26.21
C ASP A 203 -21.94 -7.59 27.46
N TRP A 204 -22.12 -6.89 28.58
CA TRP A 204 -22.33 -7.64 29.80
C TRP A 204 -23.73 -8.27 29.87
N GLN A 205 -24.66 -7.85 29.01
CA GLN A 205 -25.96 -8.53 28.95
C GLN A 205 -25.95 -9.64 27.87
N GLY A 206 -24.80 -9.82 27.24
CA GLY A 206 -24.60 -10.95 26.32
C GLY A 206 -25.28 -10.86 24.95
N VAL A 207 -25.72 -9.68 24.55
CA VAL A 207 -26.42 -9.52 23.28
C VAL A 207 -25.54 -9.82 22.07
N MET A 208 -24.33 -9.26 22.01
CA MET A 208 -23.49 -9.57 20.84
C MET A 208 -23.12 -11.06 20.84
N ARG A 209 -22.81 -11.59 22.02
CA ARG A 209 -22.51 -13.02 22.13
C ARG A 209 -23.66 -13.89 21.61
N ALA A 210 -24.89 -13.55 21.98
CA ALA A 210 -26.05 -14.32 21.55
C ALA A 210 -26.38 -14.13 20.06
N ASP A 211 -26.21 -12.91 19.57
CA ASP A 211 -26.67 -12.57 18.23
C ASP A 211 -25.57 -12.60 17.16
N ALA A 212 -24.36 -13.01 17.55
CA ALA A 212 -23.19 -12.91 16.66
C ALA A 212 -23.36 -13.66 15.35
N ARG A 213 -23.93 -14.86 15.42
CA ARG A 213 -24.10 -15.63 14.20
C ARG A 213 -24.95 -14.85 13.20
N SER A 214 -26.03 -14.23 13.66
CA SER A 214 -26.89 -13.50 12.74
C SER A 214 -26.15 -12.26 12.18
N VAL A 215 -25.30 -11.62 12.98
CA VAL A 215 -24.55 -10.48 12.48
C VAL A 215 -23.50 -10.92 11.47
N TYR A 216 -22.83 -12.02 11.79
CA TYR A 216 -21.81 -12.55 10.89
C TYR A 216 -22.43 -12.88 9.53
N GLU A 217 -23.62 -13.49 9.55
CA GLU A 217 -24.28 -13.90 8.32
C GLU A 217 -24.77 -12.73 7.49
N ALA A 218 -24.83 -11.54 8.09
CA ALA A 218 -25.25 -10.34 7.35
C ALA A 218 -24.18 -9.86 6.39
N ASP A 219 -22.94 -10.32 6.61
CA ASP A 219 -21.84 -10.01 5.72
C ASP A 219 -21.70 -11.10 4.64
N PRO A 220 -22.13 -10.82 3.41
CA PRO A 220 -22.07 -11.85 2.37
C PRO A 220 -20.65 -12.35 2.09
N THR A 221 -19.65 -11.53 2.44
CA THR A 221 -18.27 -11.89 2.17
C THR A 221 -17.65 -12.69 3.28
N GLY A 222 -18.27 -12.72 4.45
CA GLY A 222 -17.70 -13.39 5.60
C GLY A 222 -16.50 -12.70 6.25
N ASN A 223 -16.12 -11.53 5.74
CA ASN A 223 -14.94 -10.85 6.24
C ASN A 223 -15.27 -9.86 7.34
N LEU A 224 -15.63 -10.43 8.48
CA LEU A 224 -16.15 -9.63 9.59
C LEU A 224 -15.57 -10.19 10.87
N LEU A 225 -15.06 -9.30 11.71
CA LEU A 225 -14.53 -9.64 13.02
C LEU A 225 -15.43 -9.07 14.11
N PHE A 226 -15.63 -9.82 15.19
CA PHE A 226 -16.23 -9.24 16.37
C PHE A 226 -15.14 -8.70 17.28
N SER A 227 -15.49 -7.67 18.03
CA SER A 227 -14.56 -7.08 18.97
C SER A 227 -15.23 -6.92 20.32
N ILE A 228 -14.65 -7.56 21.34
CA ILE A 228 -15.10 -7.31 22.71
C ILE A 228 -14.17 -6.28 23.37
N HIS A 229 -14.73 -5.41 24.19
CA HIS A 229 -13.91 -4.51 25.01
C HIS A 229 -13.97 -5.01 26.44
N MET A 230 -12.81 -5.08 27.11
CA MET A 230 -12.77 -5.66 28.44
C MET A 230 -12.25 -4.67 29.46
N TYR A 231 -13.17 -4.17 30.27
CA TYR A 231 -12.81 -3.32 31.42
C TYR A 231 -13.32 -4.03 32.68
N SER A 232 -13.93 -3.32 33.62
N SER A 232 -13.90 -3.32 33.65
CA SER A 232 -14.16 -3.91 34.94
CA SER A 232 -14.12 -3.96 34.96
C SER A 232 -15.24 -5.01 35.01
C SER A 232 -15.27 -4.99 35.03
N VAL A 233 -16.02 -5.18 33.95
CA VAL A 233 -16.90 -6.34 33.86
C VAL A 233 -16.07 -7.61 33.96
N PHE A 234 -14.88 -7.52 33.32
CA PHE A 234 -14.02 -8.68 33.14
C PHE A 234 -12.98 -8.68 34.24
N ASP A 235 -13.48 -8.87 35.47
CA ASP A 235 -12.61 -8.80 36.65
C ASP A 235 -12.33 -10.17 37.25
N THR A 236 -12.83 -11.24 36.64
CA THR A 236 -12.42 -12.59 37.05
C THR A 236 -11.99 -13.37 35.84
N ALA A 237 -11.07 -14.29 36.05
CA ALA A 237 -10.53 -15.06 34.93
C ALA A 237 -11.63 -15.82 34.17
N ALA A 238 -12.55 -16.45 34.89
CA ALA A 238 -13.59 -17.23 34.21
C ALA A 238 -14.46 -16.36 33.29
N GLU A 239 -14.73 -15.12 33.68
CA GLU A 239 -15.50 -14.25 32.77
C GLU A 239 -14.78 -14.01 31.44
N ILE A 240 -13.47 -13.85 31.50
CA ILE A 240 -12.66 -13.61 30.32
C ILE A 240 -12.57 -14.90 29.50
N ASP A 241 -12.15 -15.99 30.13
CA ASP A 241 -12.02 -17.27 29.41
C ASP A 241 -13.34 -17.70 28.78
N ASP A 242 -14.44 -17.62 29.55
CA ASP A 242 -15.72 -18.09 29.01
C ASP A 242 -16.19 -17.26 27.82
N TYR A 243 -15.99 -15.94 27.90
CA TYR A 243 -16.42 -15.06 26.80
C TYR A 243 -15.62 -15.35 25.52
N LEU A 244 -14.32 -15.36 25.64
CA LEU A 244 -13.47 -15.60 24.47
C LEU A 244 -13.77 -16.99 23.90
N GLU A 245 -13.87 -17.99 24.76
CA GLU A 245 -14.08 -19.36 24.27
C GLU A 245 -15.46 -19.51 23.61
N ALA A 246 -16.44 -18.71 24.04
CA ALA A 246 -17.77 -18.81 23.41
C ALA A 246 -17.67 -18.50 21.91
N PHE A 247 -16.87 -17.50 21.57
CA PHE A 247 -16.71 -17.18 20.14
C PHE A 247 -15.83 -18.21 19.45
N VAL A 248 -14.69 -18.54 20.04
CA VAL A 248 -13.78 -19.54 19.43
C VAL A 248 -14.52 -20.85 19.19
N ASP A 249 -15.24 -21.34 20.19
CA ASP A 249 -15.93 -22.63 20.05
C ASP A 249 -17.08 -22.58 19.03
N ALA A 250 -17.56 -21.39 18.71
CA ALA A 250 -18.63 -21.22 17.73
C ALA A 250 -18.08 -21.04 16.33
N GLY A 251 -16.76 -20.99 16.23
CA GLY A 251 -16.14 -20.71 14.94
C GLY A 251 -16.14 -19.26 14.49
N LEU A 252 -16.39 -18.34 15.42
CA LEU A 252 -16.51 -16.94 15.04
C LEU A 252 -15.27 -16.18 15.45
N PRO A 253 -14.81 -15.28 14.59
CA PRO A 253 -13.57 -14.56 14.89
C PRO A 253 -13.77 -13.41 15.87
N LEU A 254 -12.84 -13.25 16.81
CA LEU A 254 -12.99 -12.26 17.89
C LEU A 254 -11.65 -11.64 18.17
N VAL A 255 -11.65 -10.33 18.41
CA VAL A 255 -10.47 -9.64 18.91
C VAL A 255 -10.89 -8.91 20.18
N ILE A 256 -9.91 -8.55 21.00
CA ILE A 256 -10.17 -7.67 22.13
C ILE A 256 -9.73 -6.27 21.67
N GLY A 257 -10.65 -5.50 21.11
CA GLY A 257 -10.26 -4.27 20.38
C GLY A 257 -9.93 -3.10 21.27
N ALA A 258 -10.29 -3.18 22.56
CA ALA A 258 -9.92 -2.17 23.54
C ALA A 258 -10.03 -2.85 24.89
N PHE A 259 -9.04 -2.67 25.77
CA PHE A 259 -9.15 -3.22 27.11
C PHE A 259 -8.30 -2.43 28.05
N GLY A 260 -8.60 -2.57 29.33
CA GLY A 260 -7.94 -1.82 30.39
C GLY A 260 -7.27 -2.76 31.36
N GLY A 261 -6.87 -2.19 32.49
CA GLY A 261 -6.11 -2.90 33.49
C GLY A 261 -6.31 -2.21 34.82
N PRO A 262 -5.90 -0.94 34.97
CA PRO A 262 -6.03 -0.33 36.30
C PRO A 262 -7.49 -0.28 36.76
N PRO A 263 -7.74 -0.38 38.07
CA PRO A 263 -9.12 -0.34 38.57
C PRO A 263 -9.82 0.95 38.18
N ASP A 264 -11.14 0.86 38.03
CA ASP A 264 -11.95 2.07 37.94
C ASP A 264 -13.09 2.02 38.95
N GLN A 265 -14.08 2.90 38.81
CA GLN A 265 -15.09 2.93 39.84
C GLN A 265 -15.94 1.66 39.89
N TRP A 266 -15.91 0.84 38.83
CA TRP A 266 -16.75 -0.35 38.83
C TRP A 266 -16.03 -1.65 39.17
N GLY A 267 -14.70 -1.63 39.30
CA GLY A 267 -13.99 -2.84 39.63
C GLY A 267 -12.58 -2.84 39.09
N ASP A 268 -11.97 -4.01 39.11
CA ASP A 268 -10.58 -4.15 38.68
C ASP A 268 -10.45 -5.12 37.50
N PRO A 269 -10.28 -4.58 36.29
CA PRO A 269 -10.08 -5.49 35.15
C PRO A 269 -8.91 -6.44 35.37
N ASP A 270 -9.11 -7.72 35.01
CA ASP A 270 -8.05 -8.72 35.16
C ASP A 270 -7.24 -8.80 33.85
N GLU A 271 -6.38 -7.81 33.64
CA GLU A 271 -5.65 -7.79 32.37
C GLU A 271 -4.65 -8.97 32.24
N ASP A 272 -4.16 -9.52 33.35
CA ASP A 272 -3.26 -10.67 33.23
C ASP A 272 -3.97 -11.82 32.52
N THR A 273 -5.21 -12.08 32.89
CA THR A 273 -5.93 -13.16 32.22
C THR A 273 -6.29 -12.77 30.78
N MET A 274 -6.65 -11.51 30.53
CA MET A 274 -6.90 -11.07 29.13
C MET A 274 -5.71 -11.43 28.23
N LEU A 275 -4.52 -11.07 28.68
CA LEU A 275 -3.31 -11.25 27.87
C LEU A 275 -3.00 -12.72 27.74
N ALA A 276 -3.09 -13.46 28.84
CA ALA A 276 -2.79 -14.89 28.77
C ALA A 276 -3.77 -15.65 27.89
N ALA A 277 -5.06 -15.33 28.03
CA ALA A 277 -6.08 -16.04 27.28
C ALA A 277 -6.00 -15.68 25.79
N ALA A 278 -5.74 -14.42 25.50
CA ALA A 278 -5.56 -14.01 24.11
C ALA A 278 -4.36 -14.69 23.50
N GLU A 279 -3.32 -14.93 24.28
CA GLU A 279 -2.18 -15.65 23.73
C GLU A 279 -2.50 -17.15 23.57
N ARG A 280 -3.15 -17.74 24.56
CA ARG A 280 -3.54 -19.15 24.49
C ARG A 280 -4.39 -19.47 23.24
N LEU A 281 -5.36 -18.60 23.00
CA LEU A 281 -6.31 -18.78 21.91
C LEU A 281 -5.83 -18.09 20.61
N ARG A 282 -4.69 -17.41 20.68
CA ARG A 282 -4.13 -16.56 19.60
C ARG A 282 -5.21 -15.68 18.96
N LEU A 283 -5.80 -14.87 19.81
CA LEU A 283 -6.76 -13.84 19.41
C LEU A 283 -6.09 -12.48 19.52
N GLY A 284 -6.44 -11.56 18.62
CA GLY A 284 -5.86 -10.22 18.64
C GLY A 284 -6.29 -9.40 19.87
N TYR A 285 -5.42 -8.48 20.27
CA TYR A 285 -5.79 -7.52 21.30
C TYR A 285 -5.16 -6.18 21.00
N LEU A 286 -5.83 -5.13 21.49
CA LEU A 286 -5.43 -3.74 21.29
C LEU A 286 -5.71 -2.98 22.60
N ALA A 287 -4.66 -2.61 23.33
CA ALA A 287 -4.81 -1.96 24.64
C ALA A 287 -5.32 -0.54 24.48
N TRP A 288 -6.10 -0.10 25.47
CA TRP A 288 -6.55 1.29 25.53
C TRP A 288 -5.71 2.02 26.61
N SER A 289 -4.97 3.09 26.30
CA SER A 289 -4.67 3.66 24.97
C SER A 289 -3.28 4.27 25.05
N TRP A 290 -2.72 4.67 23.90
CA TRP A 290 -1.36 5.17 23.89
C TRP A 290 -1.14 6.34 24.85
N SER A 291 -1.90 7.42 24.72
CA SER A 291 -1.73 8.55 25.62
C SER A 291 -2.87 9.52 25.43
N GLY A 292 -3.04 10.44 26.38
CA GLY A 292 -3.99 11.52 26.18
C GLY A 292 -5.39 11.33 26.73
N ASN A 293 -5.62 10.32 27.56
CA ASN A 293 -6.93 10.21 28.21
C ASN A 293 -7.19 11.35 29.18
N THR A 294 -8.42 11.86 29.25
CA THR A 294 -8.73 12.96 30.17
C THR A 294 -8.34 12.56 31.58
N ASP A 295 -8.67 11.35 31.96
CA ASP A 295 -8.10 10.72 33.16
C ASP A 295 -6.92 9.85 32.73
N PRO A 296 -5.71 10.25 33.10
CA PRO A 296 -4.50 9.61 32.57
C PRO A 296 -4.27 8.18 33.07
N VAL A 297 -5.16 7.64 33.90
CA VAL A 297 -4.96 6.29 34.43
C VAL A 297 -4.78 5.23 33.32
N LEU A 298 -5.43 5.40 32.16
CA LEU A 298 -5.27 4.42 31.08
C LEU A 298 -4.21 4.81 30.04
N ASP A 299 -3.45 5.88 30.30
CA ASP A 299 -2.35 6.22 29.37
C ASP A 299 -1.24 5.19 29.50
N LEU A 300 -0.92 4.49 28.40
CA LEU A 300 0.21 3.58 28.37
C LEU A 300 1.54 4.36 28.46
N ALA A 301 1.63 5.47 27.70
CA ALA A 301 2.77 6.39 27.70
C ALA A 301 2.35 7.69 28.36
N ILE A 302 3.22 8.27 29.17
CA ILE A 302 2.92 9.55 29.82
C ILE A 302 3.31 10.70 28.91
N GLY A 303 2.36 11.57 28.62
CA GLY A 303 2.63 12.73 27.78
C GLY A 303 3.15 12.37 26.39
N PHE A 304 2.65 11.26 25.86
CA PHE A 304 3.04 10.79 24.53
C PHE A 304 4.54 10.49 24.42
N ASP A 305 5.22 10.30 25.55
CA ASP A 305 6.66 9.99 25.54
C ASP A 305 6.87 8.49 25.64
N PRO A 306 7.35 7.84 24.56
CA PRO A 306 7.46 6.38 24.56
C PRO A 306 8.47 5.82 25.55
N ASP A 307 9.38 6.65 26.03
CA ASP A 307 10.36 6.23 27.03
C ASP A 307 9.78 6.30 28.44
N ARG A 308 8.64 6.97 28.59
CA ARG A 308 8.03 7.16 29.90
C ARG A 308 6.70 6.40 29.99
N LEU A 309 6.82 5.08 30.13
CA LEU A 309 5.63 4.25 30.21
C LEU A 309 5.10 4.22 31.64
N SER A 310 3.80 4.33 31.79
CA SER A 310 3.16 4.13 33.11
C SER A 310 3.30 2.67 33.53
N GLY A 311 2.94 2.33 34.77
CA GLY A 311 2.87 0.91 35.11
C GLY A 311 2.02 0.10 34.13
N TRP A 312 0.90 0.66 33.71
CA TRP A 312 0.01 0.05 32.71
C TRP A 312 0.72 -0.14 31.36
N GLY A 313 1.40 0.89 30.89
CA GLY A 313 2.18 0.73 29.65
C GLY A 313 3.30 -0.32 29.75
N GLN A 314 3.98 -0.37 30.88
CA GLN A 314 5.05 -1.38 31.08
C GLN A 314 4.46 -2.79 31.05
N ARG A 315 3.31 -2.97 31.67
CA ARG A 315 2.65 -4.28 31.71
C ARG A 315 2.29 -4.72 30.30
N VAL A 316 1.70 -3.81 29.53
CA VAL A 316 1.23 -4.15 28.19
C VAL A 316 2.37 -4.36 27.21
N PHE A 317 3.37 -3.49 27.24
CA PHE A 317 4.46 -3.61 26.28
C PHE A 317 5.53 -4.58 26.71
N HIS A 318 5.87 -4.64 27.99
CA HIS A 318 7.03 -5.39 28.41
C HIS A 318 6.73 -6.61 29.27
N GLY A 319 5.48 -6.81 29.67
CA GLY A 319 5.14 -7.89 30.58
C GLY A 319 4.88 -9.23 29.91
N VAL A 320 4.61 -10.25 30.74
CA VAL A 320 4.35 -11.58 30.19
C VAL A 320 3.10 -11.54 29.29
N HIS A 321 3.19 -12.21 28.14
CA HIS A 321 2.12 -12.22 27.13
C HIS A 321 1.84 -10.86 26.52
N GLY A 322 2.73 -9.91 26.77
CA GLY A 322 2.56 -8.55 26.26
C GLY A 322 3.03 -8.40 24.81
N ILE A 323 3.08 -7.15 24.36
CA ILE A 323 3.35 -6.86 22.95
C ILE A 323 4.78 -7.20 22.56
N GLY A 324 5.77 -6.81 23.37
CA GLY A 324 7.15 -7.14 23.06
C GLY A 324 7.36 -8.65 22.91
N GLU A 325 6.70 -9.42 23.78
CA GLU A 325 6.86 -10.88 23.76
C GLU A 325 6.16 -11.55 22.60
N THR A 326 5.00 -11.05 22.20
CA THR A 326 4.12 -11.86 21.37
C THR A 326 3.73 -11.25 20.02
N SER A 327 4.11 -10.00 19.75
CA SER A 327 3.73 -9.35 18.50
C SER A 327 4.61 -9.75 17.33
N ARG A 328 3.99 -10.16 16.23
CA ARG A 328 4.72 -10.45 15.00
CA ARG A 328 4.71 -10.45 15.00
C ARG A 328 4.23 -9.50 13.91
N GLU A 329 5.17 -8.89 13.18
CA GLU A 329 4.81 -7.95 12.09
C GLU A 329 3.93 -8.64 11.04
N ALA A 330 3.00 -7.89 10.45
CA ALA A 330 2.24 -8.45 9.34
C ALA A 330 3.18 -8.79 8.20
N THR A 331 2.97 -9.95 7.59
CA THR A 331 3.88 -10.41 6.52
C THR A 331 3.73 -9.67 5.21
N VAL A 332 2.62 -8.95 5.01
CA VAL A 332 2.46 -8.18 3.78
C VAL A 332 3.62 -7.18 3.63
N PHE A 333 4.21 -6.74 4.75
CA PHE A 333 5.29 -5.73 4.69
C PHE A 333 6.64 -6.30 4.25
N GLY A 334 6.78 -7.62 4.29
CA GLY A 334 8.02 -8.25 3.88
C GLY A 334 9.05 -8.27 5.00
N LYS A 335 10.22 -8.76 4.67
CA LYS A 335 11.33 -8.82 5.61
C LYS A 335 12.08 -7.48 5.61
N LEU A 336 12.00 -6.76 6.74
CA LEU A 336 12.71 -5.48 6.88
C LEU A 336 14.20 -5.62 6.58
N ALA A 337 14.75 -4.71 5.79
CA ALA A 337 16.17 -4.73 5.45
C ALA A 337 17.06 -4.67 6.69
N THR B 37 4.90 -16.94 -24.49
CA THR B 37 3.52 -16.83 -24.94
C THR B 37 2.87 -15.50 -24.54
N GLY B 38 3.51 -14.76 -23.63
CA GLY B 38 3.09 -13.40 -23.31
C GLY B 38 4.04 -12.42 -23.98
N LEU B 39 4.21 -11.21 -23.45
CA LEU B 39 5.25 -10.31 -23.92
C LEU B 39 6.60 -10.99 -23.76
N HIS B 40 7.42 -10.93 -24.81
CA HIS B 40 8.69 -11.63 -24.78
C HIS B 40 9.66 -10.93 -25.71
N VAL B 41 10.91 -11.35 -25.65
CA VAL B 41 11.96 -10.72 -26.48
C VAL B 41 12.50 -11.70 -27.49
N GLN B 42 12.61 -11.27 -28.75
CA GLN B 42 13.17 -12.11 -29.80
C GLN B 42 13.85 -11.21 -30.81
N GLY B 43 15.08 -11.55 -31.18
CA GLY B 43 15.81 -10.79 -32.21
C GLY B 43 15.95 -9.33 -31.81
N GLY B 44 16.11 -9.07 -30.53
CA GLY B 44 16.30 -7.73 -30.03
C GLY B 44 15.05 -6.87 -29.98
N ARG B 45 13.88 -7.49 -30.22
CA ARG B 45 12.61 -6.78 -30.25
C ARG B 45 11.69 -7.25 -29.14
N LEU B 46 10.87 -6.34 -28.62
CA LEU B 46 9.78 -6.69 -27.72
C LEU B 46 8.59 -7.11 -28.55
N LEU B 47 8.15 -8.36 -28.37
CA LEU B 47 7.04 -8.92 -29.15
C LEU B 47 5.88 -9.29 -28.24
N GLU B 48 4.66 -9.12 -28.71
CA GLU B 48 3.51 -9.67 -28.01
C GLU B 48 3.48 -11.19 -28.21
N GLY B 49 2.61 -11.89 -27.47
CA GLY B 49 2.51 -13.34 -27.59
C GLY B 49 2.20 -13.81 -29.01
N ASN B 50 1.48 -12.97 -29.74
CA ASN B 50 1.12 -13.30 -31.12
C ASN B 50 2.22 -12.97 -32.12
N GLY B 51 3.36 -12.49 -31.63
CA GLY B 51 4.52 -12.26 -32.48
C GLY B 51 4.60 -10.83 -33.00
N ASN B 52 3.59 -10.01 -32.71
CA ASN B 52 3.62 -8.63 -33.24
C ASN B 52 4.54 -7.73 -32.46
N ASP B 53 5.32 -6.93 -33.17
CA ASP B 53 6.30 -6.04 -32.58
C ASP B 53 5.58 -4.96 -31.76
N PHE B 54 6.04 -4.73 -30.52
CA PHE B 54 5.42 -3.70 -29.69
C PHE B 54 6.44 -2.65 -29.29
N VAL B 55 6.15 -1.42 -29.67
CA VAL B 55 7.04 -0.27 -29.40
C VAL B 55 6.36 0.68 -28.43
N MET B 56 6.87 0.73 -27.20
CA MET B 56 6.24 1.56 -26.16
C MET B 56 6.26 3.03 -26.53
N ARG B 57 5.10 3.65 -26.36
CA ARG B 57 4.99 5.09 -26.52
C ARG B 57 4.11 5.54 -25.36
N GLY B 58 4.72 6.01 -24.28
CA GLY B 58 3.95 6.29 -23.10
C GLY B 58 4.61 7.21 -22.13
N VAL B 59 4.13 7.16 -20.87
CA VAL B 59 4.62 8.04 -19.83
C VAL B 59 4.65 7.27 -18.52
N ASN B 60 5.37 7.88 -17.58
CA ASN B 60 5.40 7.46 -16.18
C ASN B 60 4.30 8.12 -15.39
N HIS B 61 3.65 7.34 -14.51
CA HIS B 61 2.66 7.91 -13.59
C HIS B 61 3.03 7.52 -12.16
N ALA B 62 3.14 8.53 -11.31
CA ALA B 62 3.60 8.38 -9.92
C ALA B 62 2.48 7.86 -9.00
N HIS B 63 1.97 6.67 -9.30
CA HIS B 63 0.85 6.09 -8.56
C HIS B 63 1.05 6.02 -7.05
N THR B 64 2.24 5.60 -6.61
CA THR B 64 2.43 5.37 -5.17
C THR B 64 2.30 6.66 -4.38
N TRP B 65 2.64 7.80 -4.99
CA TRP B 65 2.53 9.06 -4.25
C TRP B 65 1.20 9.77 -4.50
N TYR B 66 0.46 9.30 -5.50
CA TYR B 66 -0.83 9.89 -5.86
C TYR B 66 -1.90 8.81 -6.06
N PRO B 67 -2.19 8.05 -5.00
CA PRO B 67 -3.15 6.95 -5.17
C PRO B 67 -4.56 7.40 -5.53
N GLY B 68 -4.92 8.63 -5.20
CA GLY B 68 -6.26 9.14 -5.51
C GLY B 68 -6.43 9.63 -6.95
N GLN B 69 -5.34 9.71 -7.70
CA GLN B 69 -5.42 10.25 -9.06
C GLN B 69 -5.75 9.13 -10.03
N THR B 70 -6.97 8.60 -9.84
CA THR B 70 -7.46 7.42 -10.54
C THR B 70 -7.72 7.66 -12.00
N ARG B 71 -8.00 8.90 -12.36
CA ARG B 71 -8.29 9.17 -13.76
C ARG B 71 -7.05 9.22 -14.64
N SER B 72 -5.86 9.18 -14.05
CA SER B 72 -4.64 9.37 -14.83
C SER B 72 -4.51 8.35 -15.94
N LEU B 73 -4.82 7.08 -15.69
CA LEU B 73 -4.63 6.05 -16.73
C LEU B 73 -5.53 6.30 -17.95
N ALA B 74 -6.82 6.56 -17.73
CA ALA B 74 -7.72 6.87 -18.81
C ALA B 74 -7.28 8.11 -19.58
N ASP B 75 -6.81 9.11 -18.83
CA ASP B 75 -6.38 10.35 -19.46
C ASP B 75 -5.15 10.15 -20.34
N ILE B 76 -4.18 9.38 -19.85
CA ILE B 76 -2.97 9.05 -20.57
C ILE B 76 -3.32 8.26 -21.86
N LYS B 77 -4.23 7.30 -21.76
CA LYS B 77 -4.72 6.56 -22.94
C LYS B 77 -5.40 7.48 -23.94
N ALA B 78 -6.21 8.43 -23.45
CA ALA B 78 -6.96 9.32 -24.36
C ALA B 78 -6.03 10.21 -25.18
N LEU B 79 -4.85 10.50 -24.63
CA LEU B 79 -3.87 11.28 -25.36
C LEU B 79 -2.99 10.42 -26.25
N GLY B 80 -3.27 9.13 -26.29
CA GLY B 80 -2.64 8.27 -27.26
C GLY B 80 -1.58 7.30 -26.79
N ALA B 81 -1.24 7.31 -25.50
CA ALA B 81 -0.22 6.40 -24.99
C ALA B 81 -0.64 4.96 -25.18
N ASN B 82 0.31 4.08 -25.41
CA ASN B 82 0.00 2.65 -25.45
C ASN B 82 0.54 1.88 -24.22
N THR B 83 1.26 2.61 -23.37
CA THR B 83 1.98 2.02 -22.22
C THR B 83 2.03 3.04 -21.12
N VAL B 84 1.92 2.58 -19.87
CA VAL B 84 2.20 3.44 -18.72
C VAL B 84 3.19 2.72 -17.83
N ARG B 85 4.18 3.45 -17.31
CA ARG B 85 5.09 2.93 -16.28
C ARG B 85 4.58 3.45 -14.94
N VAL B 86 4.24 2.52 -14.06
CA VAL B 86 3.56 2.83 -12.79
C VAL B 86 4.56 2.76 -11.66
N VAL B 87 4.73 3.89 -10.95
CA VAL B 87 5.62 3.98 -9.80
C VAL B 87 4.96 3.28 -8.61
N LEU B 88 5.59 2.20 -8.16
CA LEU B 88 5.22 1.48 -6.93
C LEU B 88 6.30 1.70 -5.91
N SER B 89 5.97 1.46 -4.64
CA SER B 89 6.97 1.35 -3.59
C SER B 89 6.89 -0.04 -2.97
N ASP B 90 8.07 -0.60 -2.64
CA ASP B 90 8.15 -1.87 -1.90
C ASP B 90 8.23 -1.62 -0.40
N GLY B 91 8.03 -0.37 0.01
CA GLY B 91 8.00 -0.07 1.44
C GLY B 91 9.36 0.15 2.07
N HIS B 92 10.45 -0.01 1.32
CA HIS B 92 11.75 0.23 1.95
C HIS B 92 11.92 1.70 2.27
N ARG B 93 11.56 2.56 1.32
CA ARG B 93 11.73 4.00 1.46
C ARG B 93 10.38 4.71 1.54
N TRP B 94 9.47 4.38 0.64
CA TRP B 94 8.13 4.97 0.69
C TRP B 94 7.18 3.88 1.23
N THR B 95 5.90 3.94 0.93
CA THR B 95 4.96 3.01 1.59
C THR B 95 4.51 1.93 0.61
N ARG B 96 4.53 0.69 1.07
CA ARG B 96 4.35 -0.47 0.21
C ARG B 96 2.98 -0.53 -0.43
N ASN B 97 2.94 -0.62 -1.77
CA ASN B 97 1.68 -0.84 -2.48
C ASN B 97 1.25 -2.28 -2.28
N GLY B 98 0.13 -2.46 -1.61
CA GLY B 98 -0.25 -3.83 -1.26
C GLY B 98 -0.67 -4.59 -2.50
N PRO B 99 -0.65 -5.93 -2.43
CA PRO B 99 -1.08 -6.69 -3.61
C PRO B 99 -2.49 -6.33 -4.13
N ALA B 100 -3.44 -6.01 -3.25
CA ALA B 100 -4.78 -5.67 -3.72
C ALA B 100 -4.76 -4.39 -4.55
N ASP B 101 -3.88 -3.49 -4.17
CA ASP B 101 -3.65 -2.22 -4.87
C ASP B 101 -3.06 -2.50 -6.25
N VAL B 102 -2.02 -3.31 -6.27
CA VAL B 102 -1.32 -3.61 -7.53
C VAL B 102 -2.28 -4.33 -8.47
N ALA B 103 -3.09 -5.24 -7.94
CA ALA B 103 -4.10 -5.93 -8.77
C ALA B 103 -5.04 -4.92 -9.43
N ALA B 104 -5.48 -3.92 -8.67
CA ALA B 104 -6.40 -2.94 -9.23
C ALA B 104 -5.73 -2.08 -10.29
N VAL B 105 -4.46 -1.74 -10.08
CA VAL B 105 -3.69 -0.98 -11.08
C VAL B 105 -3.63 -1.78 -12.39
N ILE B 106 -3.30 -3.06 -12.29
CA ILE B 106 -3.19 -3.89 -13.48
C ILE B 106 -4.52 -3.96 -14.20
N ASP B 107 -5.59 -4.15 -13.43
CA ASP B 107 -6.90 -4.22 -14.03
C ASP B 107 -7.26 -2.90 -14.72
N ARG B 108 -6.91 -1.76 -14.10
CA ARG B 108 -7.21 -0.46 -14.69
C ARG B 108 -6.39 -0.22 -15.95
N CYS B 109 -5.13 -0.65 -15.96
CA CYS B 109 -4.36 -0.53 -17.20
C CYS B 109 -5.02 -1.33 -18.33
N LYS B 110 -5.40 -2.58 -18.04
CA LYS B 110 -6.02 -3.43 -19.05
C LYS B 110 -7.37 -2.86 -19.53
N ALA B 111 -8.15 -2.29 -18.61
CA ALA B 111 -9.45 -1.71 -18.95
C ALA B 111 -9.30 -0.52 -19.91
N ASN B 112 -8.16 0.15 -19.80
CA ASN B 112 -7.83 1.28 -20.67
C ASN B 112 -6.88 0.92 -21.82
N ARG B 113 -6.73 -0.38 -22.06
CA ARG B 113 -5.91 -0.86 -23.19
C ARG B 113 -4.51 -0.26 -23.21
N LEU B 114 -3.89 -0.23 -22.03
CA LEU B 114 -2.50 0.17 -21.83
C LEU B 114 -1.68 -1.01 -21.36
N ILE B 115 -0.53 -1.25 -21.99
CA ILE B 115 0.48 -2.16 -21.42
C ILE B 115 1.03 -1.50 -20.15
N CYS B 116 1.33 -2.31 -19.15
CA CYS B 116 1.63 -1.82 -17.82
C CYS B 116 3.06 -2.19 -17.46
N VAL B 117 3.92 -1.20 -17.26
CA VAL B 117 5.26 -1.46 -16.71
C VAL B 117 5.23 -1.11 -15.23
N LEU B 118 5.31 -2.11 -14.36
CA LEU B 118 5.38 -1.84 -12.91
C LEU B 118 6.84 -1.67 -12.49
N GLU B 119 7.12 -0.72 -11.59
CA GLU B 119 8.51 -0.53 -11.17
C GLU B 119 8.55 -0.19 -9.69
N VAL B 120 9.56 -0.72 -8.99
CA VAL B 120 9.79 -0.40 -7.57
C VAL B 120 10.74 0.80 -7.46
N HIS B 121 10.27 1.91 -6.89
CA HIS B 121 11.08 3.12 -6.93
C HIS B 121 12.13 3.18 -5.81
N ASP B 122 11.99 2.32 -4.80
CA ASP B 122 12.79 2.50 -3.59
C ASP B 122 14.27 2.25 -3.77
N THR B 123 14.65 1.57 -4.84
CA THR B 123 16.05 1.25 -5.10
C THR B 123 16.85 2.48 -5.58
N THR B 124 16.16 3.57 -5.91
CA THR B 124 16.80 4.71 -6.55
C THR B 124 18.06 5.18 -5.85
N GLY B 125 19.18 5.19 -6.57
CA GLY B 125 20.38 5.82 -6.02
C GLY B 125 21.16 4.97 -5.03
N TYR B 126 20.87 3.67 -4.97
CA TYR B 126 21.52 2.81 -3.97
C TYR B 126 23.05 2.93 -3.99
N GLY B 127 23.64 2.99 -2.80
CA GLY B 127 25.08 3.14 -2.70
C GLY B 127 25.49 4.59 -2.48
N GLU B 128 24.56 5.50 -2.74
CA GLU B 128 24.81 6.92 -2.57
C GLU B 128 23.73 7.58 -1.74
N GLU B 129 22.48 7.31 -2.10
CA GLU B 129 21.33 7.73 -1.32
C GLU B 129 21.13 6.78 -0.12
N PRO B 130 21.30 7.30 1.11
CA PRO B 130 21.22 6.42 2.28
C PRO B 130 19.88 5.72 2.47
N ALA B 131 18.79 6.34 2.04
CA ALA B 131 17.47 5.75 2.20
C ALA B 131 17.15 4.67 1.18
N ALA B 132 18.05 4.42 0.22
CA ALA B 132 17.74 3.51 -0.89
C ALA B 132 17.70 2.04 -0.47
N GLY B 133 16.84 1.29 -1.14
CA GLY B 133 16.74 -0.14 -0.92
C GLY B 133 17.51 -0.94 -1.96
N THR B 134 17.65 -2.24 -1.68
CA THR B 134 18.36 -3.13 -2.59
C THR B 134 17.45 -3.79 -3.62
N LEU B 135 18.09 -4.28 -4.68
CA LEU B 135 17.38 -5.06 -5.70
C LEU B 135 16.83 -6.36 -5.12
N ASP B 136 17.52 -6.90 -4.11
CA ASP B 136 17.04 -8.13 -3.48
C ASP B 136 15.77 -7.86 -2.68
N HIS B 137 15.73 -6.73 -1.98
CA HIS B 137 14.51 -6.35 -1.26
C HIS B 137 13.36 -6.14 -2.26
N ALA B 138 13.65 -5.48 -3.39
CA ALA B 138 12.62 -5.33 -4.41
C ALA B 138 12.16 -6.71 -4.91
N ALA B 139 13.13 -7.60 -5.15
CA ALA B 139 12.80 -8.94 -5.64
C ALA B 139 11.85 -9.68 -4.68
N ASP B 140 12.11 -9.62 -3.37
CA ASP B 140 11.20 -10.24 -2.42
C ASP B 140 9.79 -9.67 -2.59
N TYR B 141 9.70 -8.36 -2.82
CA TYR B 141 8.39 -7.75 -3.02
C TYR B 141 7.72 -8.26 -4.30
N TRP B 142 8.47 -8.33 -5.39
CA TRP B 142 7.92 -8.92 -6.60
C TRP B 142 7.41 -10.35 -6.36
N ILE B 143 8.13 -11.13 -5.58
CA ILE B 143 7.70 -12.50 -5.29
C ILE B 143 6.37 -12.46 -4.49
N SER B 144 6.24 -11.46 -3.60
CA SER B 144 4.98 -11.35 -2.85
C SER B 144 3.81 -10.96 -3.76
N LEU B 145 4.14 -10.41 -4.94
CA LEU B 145 3.11 -10.03 -5.90
C LEU B 145 2.81 -11.13 -6.91
N MET B 146 3.44 -12.30 -6.77
CA MET B 146 3.32 -13.26 -7.86
C MET B 146 1.89 -13.76 -8.10
N ASP B 147 1.05 -13.87 -7.06
CA ASP B 147 -0.32 -14.32 -7.30
C ASP B 147 -1.09 -13.28 -8.11
N VAL B 148 -0.82 -12.02 -7.87
CA VAL B 148 -1.49 -10.98 -8.62
C VAL B 148 -0.91 -10.84 -10.02
N LEU B 149 0.36 -11.16 -10.17
CA LEU B 149 0.98 -11.07 -11.50
C LEU B 149 0.67 -12.27 -12.36
N ALA B 150 0.25 -13.37 -11.77
CA ALA B 150 0.02 -14.60 -12.53
C ALA B 150 -1.02 -14.42 -13.60
N GLY B 151 -0.69 -14.92 -14.80
CA GLY B 151 -1.62 -14.86 -15.90
C GLY B 151 -1.64 -13.50 -16.58
N GLN B 152 -0.77 -12.59 -16.15
CA GLN B 152 -0.75 -11.21 -16.73
C GLN B 152 0.46 -10.93 -17.60
N GLU B 153 1.12 -11.99 -18.08
CA GLU B 153 2.32 -11.84 -18.88
C GLU B 153 2.08 -11.13 -20.24
N ASP B 154 0.83 -11.14 -20.72
CA ASP B 154 0.50 -10.39 -21.93
C ASP B 154 0.39 -8.91 -21.68
N TYR B 155 0.30 -8.51 -20.41
CA TYR B 155 -0.13 -7.14 -20.08
C TYR B 155 0.87 -6.36 -19.23
N VAL B 156 1.73 -7.07 -18.51
CA VAL B 156 2.54 -6.47 -17.47
C VAL B 156 4.00 -6.83 -17.63
N ILE B 157 4.86 -5.82 -17.57
CA ILE B 157 6.32 -5.99 -17.57
C ILE B 157 6.81 -5.57 -16.18
N VAL B 158 7.77 -6.31 -15.64
CA VAL B 158 8.29 -6.07 -14.29
C VAL B 158 9.66 -5.39 -14.36
N ASN B 159 9.70 -4.12 -13.98
CA ASN B 159 10.94 -3.34 -13.96
C ASN B 159 11.48 -3.45 -12.56
N ILE B 160 12.54 -4.26 -12.36
CA ILE B 160 12.89 -4.75 -11.01
C ILE B 160 13.07 -3.62 -10.00
N GLY B 161 13.83 -2.60 -10.37
CA GLY B 161 14.03 -1.47 -9.46
C GLY B 161 14.43 -0.24 -10.27
N ASN B 162 13.83 0.89 -9.93
CA ASN B 162 14.17 2.17 -10.58
C ASN B 162 15.62 2.54 -10.31
N GLU B 163 16.35 2.94 -11.36
CA GLU B 163 17.65 3.63 -11.20
C GLU B 163 18.45 3.11 -9.98
N PRO B 164 18.74 1.80 -9.95
CA PRO B 164 18.94 1.12 -8.66
C PRO B 164 20.38 1.20 -8.16
N TRP B 165 21.14 2.18 -8.65
CA TRP B 165 22.48 2.44 -8.14
C TRP B 165 22.76 3.90 -8.39
N GLY B 166 23.41 4.55 -7.44
CA GLY B 166 23.87 5.92 -7.65
C GLY B 166 25.19 6.05 -8.40
N ASN B 167 25.94 7.10 -8.07
CA ASN B 167 27.18 7.44 -8.79
C ASN B 167 28.43 6.90 -8.12
N THR B 168 28.26 6.25 -6.97
CA THR B 168 29.39 5.67 -6.26
C THR B 168 29.56 4.23 -6.66
N ASP B 169 30.75 3.89 -7.15
CA ASP B 169 31.11 2.52 -7.57
C ASP B 169 30.02 1.81 -8.38
N PRO B 170 29.65 2.40 -9.53
CA PRO B 170 28.58 1.85 -10.35
C PRO B 170 28.89 0.45 -10.87
N ALA B 171 30.16 0.04 -10.89
CA ALA B 171 30.47 -1.34 -11.24
C ALA B 171 29.81 -2.34 -10.28
N GLY B 172 29.48 -1.90 -9.08
CA GLY B 172 28.81 -2.76 -8.12
C GLY B 172 27.39 -3.11 -8.49
N TRP B 173 26.85 -2.46 -9.52
CA TRP B 173 25.47 -2.69 -9.96
C TRP B 173 25.27 -4.08 -10.61
N THR B 174 26.31 -4.65 -11.21
CA THR B 174 26.09 -5.79 -12.11
C THR B 174 25.71 -7.04 -11.32
N ALA B 175 26.45 -7.33 -10.26
CA ALA B 175 26.20 -8.56 -9.50
C ALA B 175 24.76 -8.62 -8.89
N PRO B 176 24.31 -7.55 -8.20
CA PRO B 176 22.96 -7.67 -7.63
C PRO B 176 21.87 -7.63 -8.69
N THR B 177 22.13 -7.00 -9.82
CA THR B 177 21.17 -7.05 -10.93
C THR B 177 21.03 -8.47 -11.47
N ILE B 178 22.15 -9.13 -11.74
CA ILE B 178 22.12 -10.52 -12.17
C ILE B 178 21.46 -11.44 -11.12
N ALA B 179 21.78 -11.21 -9.85
CA ALA B 179 21.20 -12.05 -8.79
C ALA B 179 19.68 -11.88 -8.73
N ALA B 180 19.18 -10.64 -8.87
CA ALA B 180 17.76 -10.41 -8.81
C ALA B 180 17.06 -11.04 -10.02
N VAL B 181 17.64 -10.93 -11.22
CA VAL B 181 17.09 -11.61 -12.38
C VAL B 181 16.98 -13.11 -12.12
N LYS B 182 18.05 -13.73 -11.66
CA LYS B 182 18.04 -15.17 -11.41
C LYS B 182 17.02 -15.56 -10.35
N LYS B 183 16.88 -14.71 -9.32
CA LYS B 183 15.94 -15.01 -8.23
C LYS B 183 14.49 -14.95 -8.69
N LEU B 184 14.15 -13.95 -9.49
CA LEU B 184 12.77 -13.84 -9.97
C LEU B 184 12.46 -15.01 -10.90
N ARG B 185 13.41 -15.40 -11.75
CA ARG B 185 13.16 -16.56 -12.59
C ARG B 185 13.08 -17.85 -11.76
N ALA B 186 13.92 -17.98 -10.74
CA ALA B 186 13.86 -19.14 -9.88
C ALA B 186 12.49 -19.21 -9.19
N ALA B 187 11.92 -18.05 -8.86
CA ALA B 187 10.63 -18.03 -8.19
C ALA B 187 9.50 -18.39 -9.14
N GLY B 188 9.77 -18.40 -10.44
CA GLY B 188 8.78 -18.81 -11.43
C GLY B 188 8.13 -17.65 -12.17
N LEU B 189 8.62 -16.42 -11.98
CA LEU B 189 8.07 -15.27 -12.69
C LEU B 189 8.40 -15.40 -14.18
N ALA B 190 7.41 -15.34 -15.06
CA ALA B 190 7.63 -15.50 -16.49
C ALA B 190 7.58 -14.18 -17.26
N HIS B 191 7.13 -13.09 -16.61
CA HIS B 191 6.98 -11.80 -17.30
C HIS B 191 8.25 -11.31 -17.90
N THR B 192 8.16 -10.56 -19.00
CA THR B 192 9.34 -9.83 -19.42
C THR B 192 9.78 -8.89 -18.31
N LEU B 193 11.09 -8.89 -18.08
CA LEU B 193 11.76 -8.06 -17.09
C LEU B 193 12.32 -6.82 -17.74
N MET B 194 12.36 -5.74 -16.98
CA MET B 194 13.01 -4.51 -17.44
C MET B 194 14.07 -4.13 -16.40
N ILE B 195 15.25 -3.75 -16.92
CA ILE B 195 16.46 -3.55 -16.10
C ILE B 195 16.96 -2.09 -16.23
N ASP B 196 17.01 -1.37 -15.11
CA ASP B 196 17.52 0.01 -15.11
C ASP B 196 19.02 0.02 -14.82
N ALA B 197 19.66 1.12 -15.22
CA ALA B 197 21.10 1.32 -15.12
C ALA B 197 21.56 1.97 -13.83
N PRO B 198 22.87 1.85 -13.53
CA PRO B 198 23.47 2.60 -12.41
C PRO B 198 23.71 4.07 -12.82
N ASN B 199 24.41 4.85 -11.97
CA ASN B 199 24.51 6.31 -12.15
C ASN B 199 23.11 6.91 -12.27
N TRP B 200 22.25 6.51 -11.33
CA TRP B 200 20.87 6.99 -11.25
C TRP B 200 20.12 6.80 -12.57
N GLY B 201 20.36 5.67 -13.23
CA GLY B 201 19.63 5.34 -14.45
C GLY B 201 20.19 5.91 -15.74
N GLN B 202 21.10 6.89 -15.67
CA GLN B 202 21.63 7.49 -16.89
C GLN B 202 22.89 6.78 -17.41
N ASP B 203 23.38 5.78 -16.66
CA ASP B 203 24.53 4.98 -17.09
C ASP B 203 25.71 5.85 -17.51
N TRP B 204 25.99 6.88 -16.71
CA TRP B 204 26.93 7.92 -17.09
C TRP B 204 28.31 7.32 -17.33
N GLN B 205 28.66 6.27 -16.57
CA GLN B 205 29.98 5.63 -16.72
C GLN B 205 29.96 4.37 -17.60
N GLY B 206 28.82 4.08 -18.21
CA GLY B 206 28.78 3.02 -19.21
C GLY B 206 28.79 1.59 -18.70
N VAL B 207 28.54 1.38 -17.40
CA VAL B 207 28.55 0.02 -16.85
C VAL B 207 27.43 -0.86 -17.41
N MET B 208 26.19 -0.37 -17.50
CA MET B 208 25.14 -1.23 -18.06
C MET B 208 25.44 -1.52 -19.52
N ARG B 209 25.87 -0.50 -20.27
CA ARG B 209 26.27 -0.70 -21.65
C ARG B 209 27.36 -1.78 -21.78
N ALA B 210 28.36 -1.72 -20.92
CA ALA B 210 29.46 -2.70 -21.00
C ALA B 210 29.03 -4.10 -20.55
N ASP B 211 28.20 -4.17 -19.53
CA ASP B 211 27.88 -5.45 -18.88
C ASP B 211 26.54 -6.02 -19.35
N ALA B 212 25.89 -5.36 -20.30
CA ALA B 212 24.55 -5.80 -20.71
C ALA B 212 24.50 -7.24 -21.21
N ARG B 213 25.47 -7.66 -22.00
CA ARG B 213 25.44 -9.03 -22.51
C ARG B 213 25.40 -10.02 -21.34
N SER B 214 26.21 -9.78 -20.31
CA SER B 214 26.23 -10.72 -19.19
C SER B 214 24.92 -10.69 -18.41
N VAL B 215 24.30 -9.52 -18.31
CA VAL B 215 23.04 -9.44 -17.62
C VAL B 215 21.93 -10.14 -18.40
N TYR B 216 21.92 -9.92 -19.73
CA TYR B 216 20.95 -10.57 -20.58
C TYR B 216 21.05 -12.09 -20.51
N GLU B 217 22.26 -12.60 -20.51
CA GLU B 217 22.47 -14.04 -20.47
C GLU B 217 22.06 -14.66 -19.12
N ALA B 218 21.91 -13.85 -18.08
CA ALA B 218 21.47 -14.34 -16.77
C ALA B 218 20.00 -14.72 -16.75
N ASP B 219 19.22 -14.24 -17.71
CA ASP B 219 17.82 -14.61 -17.83
C ASP B 219 17.70 -15.84 -18.74
N PRO B 220 17.41 -17.01 -18.16
CA PRO B 220 17.34 -18.21 -19.00
C PRO B 220 16.25 -18.13 -20.06
N THR B 221 15.26 -17.26 -19.87
CA THR B 221 14.17 -17.14 -20.83
C THR B 221 14.46 -16.17 -21.97
N GLY B 222 15.48 -15.33 -21.80
CA GLY B 222 15.79 -14.27 -22.75
C GLY B 222 14.81 -13.10 -22.77
N ASN B 223 13.84 -13.13 -21.88
CA ASN B 223 12.80 -12.10 -21.88
C ASN B 223 13.13 -10.96 -20.94
N LEU B 224 14.14 -10.22 -21.39
CA LEU B 224 14.69 -9.14 -20.57
C LEU B 224 14.96 -7.92 -21.46
N LEU B 225 14.50 -6.76 -21.00
CA LEU B 225 14.71 -5.46 -21.67
C LEU B 225 15.61 -4.58 -20.83
N PHE B 226 16.52 -3.87 -21.48
CA PHE B 226 17.28 -2.83 -20.81
C PHE B 226 16.56 -1.52 -20.93
N SER B 227 16.72 -0.68 -19.91
CA SER B 227 16.10 0.65 -19.94
C SER B 227 17.13 1.69 -19.58
N ILE B 228 17.31 2.65 -20.48
CA ILE B 228 18.15 3.80 -20.20
C ILE B 228 17.25 4.96 -19.80
N HIS B 229 17.71 5.77 -18.86
CA HIS B 229 17.01 7.02 -18.53
C HIS B 229 17.85 8.17 -19.04
N MET B 230 17.21 9.15 -19.68
CA MET B 230 17.97 10.23 -20.33
C MET B 230 17.55 11.58 -19.81
N TYR B 231 18.41 12.15 -18.97
CA TYR B 231 18.23 13.52 -18.53
C TYR B 231 19.45 14.32 -18.99
N SER B 232 20.03 15.18 -18.13
N SER B 232 20.02 15.18 -18.14
CA SER B 232 20.99 16.14 -18.64
CA SER B 232 20.97 16.15 -18.69
C SER B 232 22.34 15.57 -19.07
C SER B 232 22.35 15.57 -19.06
N VAL B 233 22.62 14.30 -18.74
CA VAL B 233 23.80 13.65 -19.31
C VAL B 233 23.67 13.66 -20.85
N PHE B 234 22.42 13.45 -21.30
CA PHE B 234 22.13 13.26 -22.72
C PHE B 234 21.69 14.58 -23.32
N ASP B 235 22.65 15.52 -23.35
CA ASP B 235 22.38 16.86 -23.81
C ASP B 235 22.94 17.11 -25.20
N THR B 236 23.50 16.07 -25.84
CA THR B 236 23.95 16.24 -27.23
C THR B 236 23.42 15.12 -28.09
N ALA B 237 23.22 15.37 -29.38
CA ALA B 237 22.71 14.33 -30.25
C ALA B 237 23.63 13.11 -30.31
N ALA B 238 24.94 13.34 -30.40
CA ALA B 238 25.88 12.23 -30.51
C ALA B 238 25.82 11.31 -29.30
N GLU B 239 25.66 11.86 -28.10
CA GLU B 239 25.58 10.99 -26.91
C GLU B 239 24.36 10.08 -26.99
N ILE B 240 23.24 10.63 -27.47
CA ILE B 240 21.98 9.87 -27.55
C ILE B 240 22.06 8.81 -28.65
N ASP B 241 22.43 9.21 -29.87
CA ASP B 241 22.53 8.28 -30.97
C ASP B 241 23.51 7.18 -30.66
N ASP B 242 24.68 7.55 -30.13
CA ASP B 242 25.70 6.53 -29.85
C ASP B 242 25.26 5.52 -28.80
N TYR B 243 24.57 5.98 -27.75
CA TYR B 243 24.14 5.07 -26.69
C TYR B 243 23.09 4.08 -27.25
N LEU B 244 22.07 4.62 -27.91
CA LEU B 244 20.99 3.77 -28.41
C LEU B 244 21.54 2.79 -29.43
N GLU B 245 22.40 3.28 -30.32
CA GLU B 245 22.92 2.40 -31.36
C GLU B 245 23.83 1.29 -30.80
N ALA B 246 24.49 1.56 -29.69
CA ALA B 246 25.34 0.55 -29.06
C ALA B 246 24.52 -0.69 -28.69
N PHE B 247 23.32 -0.48 -28.15
CA PHE B 247 22.46 -1.62 -27.83
C PHE B 247 21.90 -2.24 -29.11
N VAL B 248 21.39 -1.40 -30.01
CA VAL B 248 20.81 -1.95 -31.24
C VAL B 248 21.82 -2.81 -31.98
N ASP B 249 23.02 -2.29 -32.14
CA ASP B 249 24.05 -2.98 -32.91
C ASP B 249 24.57 -4.22 -32.24
N ALA B 250 24.34 -4.31 -30.91
CA ALA B 250 24.71 -5.51 -30.19
C ALA B 250 23.61 -6.55 -30.19
N GLY B 251 22.47 -6.22 -30.76
CA GLY B 251 21.35 -7.15 -30.76
C GLY B 251 20.55 -7.20 -29.48
N LEU B 252 20.75 -6.19 -28.62
CA LEU B 252 20.14 -6.17 -27.31
C LEU B 252 18.98 -5.20 -27.26
N PRO B 253 17.90 -5.58 -26.60
CA PRO B 253 16.70 -4.74 -26.56
C PRO B 253 16.80 -3.60 -25.56
N LEU B 254 16.32 -2.43 -25.96
CA LEU B 254 16.47 -1.23 -25.13
C LEU B 254 15.24 -0.37 -25.26
N VAL B 255 14.81 0.19 -24.13
CA VAL B 255 13.80 1.26 -24.13
C VAL B 255 14.37 2.47 -23.40
N ILE B 256 13.79 3.63 -23.63
CA ILE B 256 14.13 4.83 -22.83
C ILE B 256 13.00 4.92 -21.79
N GLY B 257 13.18 4.30 -20.62
CA GLY B 257 12.07 4.11 -19.70
C GLY B 257 11.67 5.34 -18.90
N ALA B 258 12.53 6.37 -18.90
CA ALA B 258 12.22 7.66 -18.27
C ALA B 258 13.14 8.67 -18.90
N PHE B 259 12.61 9.82 -19.27
CA PHE B 259 13.48 10.87 -19.84
C PHE B 259 12.87 12.22 -19.68
N GLY B 260 13.72 13.24 -19.77
N GLY B 260 13.71 13.23 -19.93
CA GLY B 260 13.24 14.59 -19.51
CA GLY B 260 13.31 14.63 -20.05
C GLY B 260 13.45 15.44 -20.75
C GLY B 260 13.87 15.23 -21.34
N GLY B 261 13.25 16.74 -20.58
N GLY B 261 13.75 16.54 -21.55
CA GLY B 261 13.32 17.69 -21.66
CA GLY B 261 13.10 17.44 -20.62
C GLY B 261 13.87 18.99 -21.07
C GLY B 261 13.62 18.87 -20.73
N PRO B 262 13.08 19.67 -20.22
N PRO B 262 13.00 19.76 -19.94
CA PRO B 262 13.57 20.98 -19.78
CA PRO B 262 13.56 21.10 -19.80
C PRO B 262 14.93 20.96 -19.09
C PRO B 262 14.90 21.00 -19.10
N PRO B 263 15.72 22.04 -19.25
CA PRO B 263 17.04 22.09 -18.62
C PRO B 263 16.96 21.97 -17.10
N ASP B 264 18.00 21.42 -16.51
CA ASP B 264 18.19 21.56 -15.06
C ASP B 264 19.54 22.23 -14.84
N GLN B 265 20.06 22.18 -13.63
CA GLN B 265 21.30 22.92 -13.38
C GLN B 265 22.49 22.31 -14.12
N TRP B 266 22.38 21.04 -14.54
CA TRP B 266 23.52 20.33 -15.11
C TRP B 266 23.52 20.30 -16.63
N GLY B 267 22.43 20.76 -17.24
CA GLY B 267 22.39 20.82 -18.69
C GLY B 267 21.00 20.70 -19.24
N ASP B 268 20.91 20.56 -20.55
CA ASP B 268 19.63 20.57 -21.24
C ASP B 268 19.43 19.26 -21.98
N PRO B 269 18.60 18.36 -21.42
CA PRO B 269 18.34 17.13 -22.16
C PRO B 269 17.84 17.41 -23.57
N ASP B 270 18.37 16.64 -24.53
CA ASP B 270 18.01 16.85 -25.95
C ASP B 270 16.87 15.91 -26.31
N GLU B 271 15.67 16.25 -25.87
CA GLU B 271 14.54 15.34 -26.09
C GLU B 271 14.18 15.23 -27.58
N ASP B 272 14.47 16.27 -28.38
CA ASP B 272 14.19 16.16 -29.81
C ASP B 272 14.95 15.00 -30.43
N THR B 273 16.23 14.85 -30.09
CA THR B 273 17.01 13.74 -30.64
C THR B 273 16.53 12.43 -30.02
N MET B 274 16.20 12.44 -28.73
CA MET B 274 15.68 11.21 -28.12
C MET B 274 14.48 10.66 -28.88
N LEU B 275 13.53 11.54 -29.16
CA LEU B 275 12.31 11.15 -29.83
C LEU B 275 12.60 10.72 -31.26
N ALA B 276 13.43 11.49 -31.96
CA ALA B 276 13.74 11.16 -33.34
C ALA B 276 14.49 9.84 -33.46
N ALA B 277 15.46 9.63 -32.58
CA ALA B 277 16.25 8.39 -32.61
C ALA B 277 15.40 7.19 -32.22
N ALA B 278 14.55 7.35 -31.21
CA ALA B 278 13.68 6.25 -30.81
C ALA B 278 12.70 5.90 -31.91
N GLU B 279 12.28 6.88 -32.71
CA GLU B 279 11.41 6.59 -33.82
C GLU B 279 12.21 5.95 -34.96
N ARG B 280 13.40 6.49 -35.27
CA ARG B 280 14.23 5.89 -36.30
C ARG B 280 14.57 4.41 -36.04
N LEU B 281 14.93 4.12 -34.79
CA LEU B 281 15.35 2.77 -34.38
C LEU B 281 14.16 1.94 -33.89
N ARG B 282 12.98 2.56 -33.85
CA ARG B 282 11.74 1.98 -33.27
C ARG B 282 12.01 1.30 -31.93
N LEU B 283 12.50 2.13 -31.02
CA LEU B 283 12.70 1.73 -29.63
C LEU B 283 11.62 2.40 -28.78
N GLY B 284 11.17 1.70 -27.76
CA GLY B 284 10.19 2.28 -26.85
C GLY B 284 10.70 3.46 -26.05
N TYR B 285 9.78 4.35 -25.69
CA TYR B 285 10.10 5.42 -24.75
C TYR B 285 8.90 5.73 -23.85
N LEU B 286 9.23 6.24 -22.66
CA LEU B 286 8.23 6.58 -21.62
C LEU B 286 8.68 7.85 -20.97
N ALA B 287 7.97 8.95 -21.23
CA ALA B 287 8.40 10.26 -20.70
C ALA B 287 8.16 10.37 -19.19
N TRP B 288 9.02 11.14 -18.52
CA TRP B 288 8.82 11.44 -17.07
C TRP B 288 8.31 12.87 -16.94
N SER B 289 7.14 13.14 -16.34
CA SER B 289 6.14 12.17 -15.85
C SER B 289 4.79 12.85 -15.97
N TRP B 290 3.71 12.08 -15.80
CA TRP B 290 2.36 12.62 -16.06
C TRP B 290 2.08 13.89 -15.23
N SER B 291 2.22 13.83 -13.91
CA SER B 291 1.98 15.03 -13.10
C SER B 291 2.46 14.74 -11.69
N GLY B 292 2.65 15.81 -10.92
CA GLY B 292 2.90 15.66 -9.50
C GLY B 292 4.34 15.66 -9.02
N ASN B 293 5.27 16.06 -9.88
CA ASN B 293 6.65 16.22 -9.40
C ASN B 293 6.79 17.32 -8.38
N THR B 294 7.65 17.12 -7.40
CA THR B 294 7.86 18.18 -6.38
C THR B 294 8.24 19.50 -7.03
N ASP B 295 9.16 19.43 -8.00
CA ASP B 295 9.42 20.52 -8.92
C ASP B 295 8.62 20.23 -10.19
N PRO B 296 7.59 21.05 -10.47
CA PRO B 296 6.66 20.76 -11.56
C PRO B 296 7.24 20.90 -12.96
N VAL B 297 8.52 21.24 -13.08
CA VAL B 297 9.14 21.42 -14.39
C VAL B 297 8.98 20.17 -15.28
N LEU B 298 8.97 18.97 -14.69
CA LEU B 298 8.77 17.78 -15.52
C LEU B 298 7.33 17.26 -15.57
N ASP B 299 6.36 18.00 -15.04
CA ASP B 299 4.95 17.59 -15.19
C ASP B 299 4.51 17.77 -16.65
N LEU B 300 4.07 16.68 -17.28
CA LEU B 300 3.51 16.75 -18.62
C LEU B 300 2.17 17.46 -18.59
N ALA B 301 1.36 17.08 -17.61
CA ALA B 301 0.04 17.70 -17.37
C ALA B 301 0.13 18.50 -16.09
N ILE B 302 -0.47 19.69 -16.09
CA ILE B 302 -0.47 20.53 -14.90
CA ILE B 302 -0.47 20.50 -14.89
C ILE B 302 -1.66 20.13 -13.99
N GLY B 303 -1.38 19.81 -12.74
CA GLY B 303 -2.43 19.48 -11.78
C GLY B 303 -3.29 18.29 -12.22
N PHE B 304 -2.64 17.33 -12.89
CA PHE B 304 -3.30 16.12 -13.38
C PHE B 304 -4.44 16.39 -14.35
N ASP B 305 -4.46 17.59 -14.94
CA ASP B 305 -5.50 17.96 -15.90
C ASP B 305 -5.02 17.69 -17.32
N PRO B 306 -5.60 16.69 -18.00
CA PRO B 306 -5.06 16.31 -19.31
C PRO B 306 -5.26 17.36 -20.38
N ASP B 307 -6.13 18.32 -20.14
CA ASP B 307 -6.32 19.40 -21.10
C ASP B 307 -5.32 20.52 -20.92
N ARG B 308 -4.59 20.49 -19.81
CA ARG B 308 -3.64 21.57 -19.48
C ARG B 308 -2.23 21.05 -19.49
N LEU B 309 -1.72 20.80 -20.69
CA LEU B 309 -0.37 20.30 -20.85
C LEU B 309 0.63 21.45 -20.81
N SER B 310 1.71 21.22 -20.09
CA SER B 310 2.85 22.13 -20.08
C SER B 310 3.50 22.11 -21.47
N GLY B 311 4.42 23.03 -21.71
CA GLY B 311 5.19 22.98 -22.93
C GLY B 311 5.80 21.61 -23.13
N TRP B 312 6.30 21.03 -22.03
CA TRP B 312 6.89 19.69 -22.03
C TRP B 312 5.85 18.64 -22.43
N GLY B 313 4.66 18.68 -21.82
CA GLY B 313 3.61 17.73 -22.20
C GLY B 313 3.17 17.90 -23.65
N GLN B 314 3.07 19.14 -24.12
CA GLN B 314 2.71 19.37 -25.52
C GLN B 314 3.75 18.77 -26.47
N ARG B 315 5.03 18.93 -26.12
CA ARG B 315 6.12 18.39 -26.94
C ARG B 315 6.00 16.89 -27.04
N VAL B 316 5.78 16.24 -25.89
CA VAL B 316 5.79 14.78 -25.84
C VAL B 316 4.54 14.18 -26.50
N PHE B 317 3.37 14.73 -26.20
CA PHE B 317 2.15 14.17 -26.77
C PHE B 317 1.86 14.63 -28.17
N HIS B 318 2.13 15.91 -28.49
CA HIS B 318 1.63 16.46 -29.75
C HIS B 318 2.73 16.83 -30.79
N GLY B 319 3.98 16.75 -30.36
CA GLY B 319 5.10 17.18 -31.17
C GLY B 319 5.57 16.10 -32.16
N VAL B 320 6.54 16.46 -32.99
CA VAL B 320 7.07 15.54 -34.00
C VAL B 320 7.72 14.33 -33.31
N HIS B 321 7.44 13.14 -33.85
CA HIS B 321 7.91 11.87 -33.25
C HIS B 321 7.32 11.63 -31.88
N GLY B 322 6.28 12.39 -31.53
CA GLY B 322 5.66 12.22 -30.22
C GLY B 322 4.63 11.10 -30.15
N ILE B 323 3.92 11.06 -29.03
CA ILE B 323 3.04 9.94 -28.71
C ILE B 323 1.83 9.92 -29.65
N GLY B 324 1.19 11.08 -29.82
CA GLY B 324 0.08 11.16 -30.76
C GLY B 324 0.45 10.73 -32.17
N GLU B 325 1.66 11.08 -32.62
CA GLU B 325 2.09 10.72 -33.97
C GLU B 325 2.46 9.25 -34.13
N THR B 326 3.05 8.65 -33.10
CA THR B 326 3.74 7.37 -33.33
C THR B 326 3.27 6.18 -32.48
N SER B 327 2.34 6.39 -31.56
CA SER B 327 1.88 5.32 -30.67
C SER B 327 0.82 4.44 -31.32
N ARG B 328 1.06 3.13 -31.27
CA ARG B 328 0.11 2.13 -31.76
CA ARG B 328 0.12 2.12 -31.77
C ARG B 328 -0.31 1.24 -30.60
N GLU B 329 -1.62 1.02 -30.47
CA GLU B 329 -2.14 0.21 -29.37
C GLU B 329 -1.57 -1.21 -29.42
N ALA B 330 -1.31 -1.82 -28.26
CA ALA B 330 -0.94 -3.26 -28.28
C ALA B 330 -2.04 -4.10 -28.91
N THR B 331 -1.66 -5.06 -29.76
CA THR B 331 -2.65 -5.85 -30.49
C THR B 331 -3.38 -6.86 -29.60
N VAL B 332 -2.83 -7.17 -28.43
CA VAL B 332 -3.50 -8.13 -27.55
C VAL B 332 -4.89 -7.64 -27.17
N PHE B 333 -5.09 -6.32 -27.10
CA PHE B 333 -6.40 -5.81 -26.70
C PHE B 333 -7.47 -5.91 -27.79
N GLY B 334 -7.03 -5.95 -29.04
CA GLY B 334 -7.94 -6.08 -30.15
C GLY B 334 -8.42 -7.50 -30.24
#